data_1H3X
#
_entry.id   1H3X
#
_cell.length_a   49.690
_cell.length_b   80.200
_cell.length_c   138.960
_cell.angle_alpha   90.00
_cell.angle_beta   90.00
_cell.angle_gamma   90.00
#
_symmetry.space_group_name_H-M   'P 21 21 21'
#
loop_
_entity.id
_entity.type
_entity.pdbx_description
1 polymer 'IG GAMMA-1 CHAIN C REGION'
2 branched 2-acetamido-2-deoxy-beta-D-glucopyranose-(1-2)-alpha-D-mannopyranose-(1-3)-[2-acetamido-2-deoxy-beta-D-glucopyranose-(1-2)-alpha-D-mannopyranose-(1-6)]beta-D-mannopyranose-(1-4)-2-acetamido-2-deoxy-beta-D-glucopyranose-(1-4)-[beta-L-fucopyranose-(1-6)]2-acetamido-2-deoxy-beta-D-glucopyranose
3 water water
#
_entity_poly.entity_id   1
_entity_poly.type   'polypeptide(L)'
_entity_poly.pdbx_seq_one_letter_code
;TCPPCPAPELLGGPSVFLFPPKPKDTLMISRTPEVTCVVVDVSHEDPQVKFNWYVDGVQVHNAKTKPREQQYNSTYRVVS
VLTVLHQNWLDGKEYKCKVSNKALPAPIEKTISKAKGQPREPQVYTLPPSREEMTKNQVSLTCLVKGFYPSDIAVEWESN
GQPENNYKTTPPVLDSDGSFFLYSKLTVDKSRWQQGNVFSCSVMHEALHNHYTQKSLSLSPGK
;
_entity_poly.pdbx_strand_id   A,B
#
# COMPACT_ATOMS: atom_id res chain seq x y z
N PRO A 14 -3.41 1.09 27.97
CA PRO A 14 -2.71 -0.17 27.57
C PRO A 14 -3.20 -0.60 26.19
N SER A 15 -2.29 -0.70 25.23
CA SER A 15 -2.68 -1.13 23.90
C SER A 15 -2.01 -2.44 23.60
N VAL A 16 -2.63 -3.23 22.72
CA VAL A 16 -2.10 -4.53 22.32
C VAL A 16 -2.16 -4.68 20.81
N PHE A 17 -1.03 -5.05 20.22
CA PHE A 17 -0.93 -5.26 18.77
C PHE A 17 -0.44 -6.66 18.49
N LEU A 18 -1.14 -7.37 17.62
CA LEU A 18 -0.74 -8.73 17.24
C LEU A 18 0.02 -8.73 15.91
N PHE A 19 1.12 -9.46 15.83
CA PHE A 19 1.91 -9.49 14.61
C PHE A 19 2.05 -10.90 14.08
N PRO A 20 1.79 -11.09 12.78
CA PRO A 20 1.90 -12.43 12.21
C PRO A 20 3.32 -12.70 11.76
N PRO A 21 3.65 -13.98 11.49
CA PRO A 21 4.98 -14.37 11.04
C PRO A 21 5.20 -13.80 9.64
N LYS A 22 6.45 -13.81 9.21
CA LYS A 22 6.77 -13.27 7.90
C LYS A 22 6.49 -14.34 6.88
N PRO A 23 6.02 -13.93 5.70
CA PRO A 23 5.66 -14.80 4.58
C PRO A 23 6.60 -15.97 4.33
N LYS A 24 7.90 -15.73 4.48
CA LYS A 24 8.88 -16.78 4.25
C LYS A 24 8.99 -17.77 5.40
N ASP A 25 8.74 -17.28 6.61
CA ASP A 25 8.84 -18.11 7.79
C ASP A 25 7.96 -19.36 7.76
N THR A 26 6.76 -19.22 7.22
CA THR A 26 5.82 -20.33 7.17
C THR A 26 5.91 -21.15 5.91
N LEU A 27 6.76 -20.73 4.99
CA LEU A 27 6.90 -21.40 3.72
C LEU A 27 8.12 -22.31 3.74
N MET A 28 9.07 -22.01 4.61
CA MET A 28 10.28 -22.80 4.72
C MET A 28 10.41 -23.51 6.07
N ILE A 29 10.38 -24.84 6.00
CA ILE A 29 10.47 -25.68 7.18
C ILE A 29 11.67 -25.36 8.06
N SER A 30 12.73 -24.86 7.44
CA SER A 30 13.95 -24.52 8.17
C SER A 30 13.81 -23.23 8.97
N ARG A 31 13.01 -22.30 8.47
CA ARG A 31 12.79 -21.05 9.15
C ARG A 31 11.91 -21.28 10.38
N THR A 32 11.81 -20.27 11.24
CA THR A 32 11.02 -20.33 12.46
C THR A 32 9.93 -19.25 12.49
N PRO A 33 8.69 -19.63 12.17
CA PRO A 33 7.56 -18.70 12.15
C PRO A 33 7.00 -18.41 13.53
N GLU A 34 6.71 -17.15 13.80
CA GLU A 34 6.15 -16.80 15.09
C GLU A 34 5.10 -15.69 15.07
N VAL A 35 4.24 -15.71 16.08
CA VAL A 35 3.17 -14.74 16.28
C VAL A 35 3.58 -13.93 17.51
N THR A 36 3.68 -12.63 17.35
CA THR A 36 4.13 -11.77 18.44
C THR A 36 3.08 -10.84 18.99
N CYS A 37 2.95 -10.85 20.32
CA CYS A 37 1.98 -10.00 20.96
C CYS A 37 2.71 -8.88 21.68
N VAL A 38 2.44 -7.65 21.26
CA VAL A 38 3.06 -6.48 21.85
C VAL A 38 2.06 -5.67 22.66
N VAL A 39 2.47 -5.24 23.85
CA VAL A 39 1.61 -4.44 24.71
C VAL A 39 2.33 -3.15 25.07
N VAL A 40 1.79 -2.03 24.64
CA VAL A 40 2.42 -0.76 24.96
C VAL A 40 1.56 0.02 25.94
N ASP A 41 2.19 0.93 26.67
CA ASP A 41 1.51 1.79 27.63
C ASP A 41 1.03 1.03 28.85
N VAL A 42 1.91 0.24 29.43
CA VAL A 42 1.61 -0.50 30.65
C VAL A 42 2.17 0.39 31.76
N SER A 43 1.30 1.21 32.36
CA SER A 43 1.65 2.14 33.42
C SER A 43 2.79 1.69 34.34
N HIS A 44 3.52 2.67 34.87
CA HIS A 44 4.63 2.40 35.78
C HIS A 44 4.14 1.79 37.09
N GLU A 45 2.94 2.19 37.50
CA GLU A 45 2.36 1.70 38.74
C GLU A 45 2.08 0.20 38.71
N ASP A 46 1.18 -0.23 37.83
CA ASP A 46 0.83 -1.65 37.73
C ASP A 46 1.49 -2.32 36.53
N PRO A 47 2.79 -2.65 36.61
CA PRO A 47 3.49 -3.30 35.49
C PRO A 47 3.23 -4.79 35.34
N GLN A 48 2.26 -5.31 36.09
CA GLN A 48 1.95 -6.74 35.98
C GLN A 48 1.18 -6.96 34.69
N VAL A 49 1.61 -7.93 33.90
CA VAL A 49 0.90 -8.26 32.66
C VAL A 49 0.88 -9.78 32.53
N LYS A 50 -0.30 -10.29 32.25
CA LYS A 50 -0.51 -11.73 32.12
C LYS A 50 -0.94 -12.07 30.71
N PHE A 51 -0.25 -13.05 30.10
CA PHE A 51 -0.60 -13.48 28.75
C PHE A 51 -1.22 -14.85 28.77
N ASN A 52 -2.24 -15.04 27.94
CA ASN A 52 -2.91 -16.33 27.79
C ASN A 52 -2.98 -16.52 26.28
N TRP A 53 -2.60 -17.70 25.80
CA TRP A 53 -2.60 -17.98 24.36
C TRP A 53 -3.55 -19.08 23.95
N TYR A 54 -4.22 -18.85 22.84
CA TYR A 54 -5.17 -19.78 22.29
C TYR A 54 -4.93 -19.99 20.79
N VAL A 55 -5.04 -21.25 20.41
CA VAL A 55 -4.87 -21.72 19.04
C VAL A 55 -6.19 -22.39 18.78
N ASP A 56 -7.10 -21.66 18.13
CA ASP A 56 -8.45 -22.12 17.84
C ASP A 56 -9.26 -22.24 19.15
N GLY A 57 -9.01 -21.30 20.06
CA GLY A 57 -9.72 -21.29 21.33
C GLY A 57 -9.18 -22.23 22.38
N VAL A 58 -8.13 -22.96 22.07
CA VAL A 58 -7.55 -23.89 23.04
C VAL A 58 -6.18 -23.40 23.51
N GLN A 59 -5.86 -23.69 24.78
CA GLN A 59 -4.58 -23.33 25.41
C GLN A 59 -4.64 -22.26 26.48
N VAL A 60 -5.78 -22.06 27.13
CA VAL A 60 -5.81 -21.05 28.19
C VAL A 60 -4.69 -21.42 29.14
N HIS A 61 -4.26 -22.68 29.05
CA HIS A 61 -3.19 -23.28 29.86
C HIS A 61 -1.78 -23.18 29.27
N ASN A 62 -1.42 -22.01 28.76
CA ASN A 62 -0.08 -21.79 28.17
C ASN A 62 0.21 -22.36 26.78
N ALA A 63 1.47 -22.75 26.59
CA ALA A 63 1.98 -23.30 25.34
C ALA A 63 3.43 -22.88 25.31
N LYS A 64 4.04 -22.92 24.12
CA LYS A 64 5.43 -22.52 24.00
C LYS A 64 5.59 -21.24 24.80
N THR A 65 4.89 -20.18 24.40
CA THR A 65 4.93 -18.89 25.10
C THR A 65 6.33 -18.40 25.51
N LYS A 66 6.46 -17.10 25.72
CA LYS A 66 7.74 -16.53 26.14
C LYS A 66 7.73 -14.99 26.21
N PRO A 67 7.59 -14.42 27.43
CA PRO A 67 7.56 -12.97 27.69
C PRO A 67 8.94 -12.44 28.17
N ARG A 68 9.10 -11.11 28.28
CA ARG A 68 10.38 -10.50 28.69
C ARG A 68 10.42 -9.27 29.64
N GLU A 69 9.73 -8.18 29.31
CA GLU A 69 9.67 -6.94 30.13
C GLU A 69 10.68 -5.84 29.73
N GLN A 70 10.24 -4.57 29.72
CA GLN A 70 11.08 -3.41 29.34
C GLN A 70 10.48 -2.07 29.86
N GLN A 71 11.21 -0.95 29.67
CA GLN A 71 10.72 0.38 30.10
C GLN A 71 10.97 1.44 29.01
N TYR A 72 10.06 2.40 28.86
CA TYR A 72 10.21 3.44 27.85
C TYR A 72 9.93 4.89 28.29
N ASN A 73 9.31 5.65 27.39
CA ASN A 73 8.94 7.06 27.61
C ASN A 73 8.51 7.38 29.03
N SER A 74 7.48 6.68 29.49
CA SER A 74 6.89 6.84 30.83
C SER A 74 5.82 5.75 30.97
N THR A 75 6.09 4.60 30.36
CA THR A 75 5.19 3.44 30.34
C THR A 75 6.04 2.18 30.21
N TYR A 76 5.38 1.02 30.14
CA TYR A 76 6.09 -0.24 29.99
C TYR A 76 5.67 -0.90 28.70
N ARG A 77 6.53 -1.79 28.20
CA ARG A 77 6.30 -2.52 26.97
C ARG A 77 6.59 -3.98 27.27
N VAL A 78 5.62 -4.85 26.98
CA VAL A 78 5.79 -6.27 27.24
C VAL A 78 5.54 -7.07 25.97
N VAL A 79 6.49 -7.92 25.63
CA VAL A 79 6.37 -8.72 24.43
C VAL A 79 6.27 -10.20 24.72
N SER A 80 5.32 -10.87 24.09
CA SER A 80 5.19 -12.31 24.29
C SER A 80 5.31 -12.93 22.88
N VAL A 81 6.05 -14.03 22.78
CA VAL A 81 6.25 -14.68 21.49
C VAL A 81 5.79 -16.14 21.43
N LEU A 82 4.93 -16.44 20.48
CA LEU A 82 4.43 -17.81 20.27
C LEU A 82 4.95 -18.33 18.95
N THR A 83 5.73 -19.40 19.00
CA THR A 83 6.26 -20.02 17.80
C THR A 83 5.11 -20.82 17.24
N VAL A 84 4.87 -20.77 15.94
CA VAL A 84 3.78 -21.56 15.39
C VAL A 84 4.28 -22.65 14.44
N LEU A 85 3.41 -23.61 14.14
CA LEU A 85 3.75 -24.70 13.23
C LEU A 85 3.31 -24.35 11.80
N HIS A 86 4.29 -24.31 10.90
CA HIS A 86 4.04 -24.00 9.49
C HIS A 86 2.68 -24.46 9.00
N GLN A 87 2.33 -25.73 9.23
CA GLN A 87 1.05 -26.22 8.77
C GLN A 87 -0.14 -25.73 9.57
N ASN A 88 0.07 -25.38 10.85
CA ASN A 88 -1.06 -24.85 11.62
C ASN A 88 -1.39 -23.50 10.99
N TRP A 89 -0.36 -22.72 10.69
CA TRP A 89 -0.62 -21.43 10.07
C TRP A 89 -1.22 -21.61 8.68
N LEU A 90 -0.59 -22.45 7.87
CA LEU A 90 -1.09 -22.68 6.51
C LEU A 90 -2.48 -23.31 6.50
N ASP A 91 -2.86 -23.97 7.59
CA ASP A 91 -4.17 -24.60 7.70
C ASP A 91 -5.19 -23.62 8.34
N GLY A 92 -4.87 -22.34 8.28
CA GLY A 92 -5.75 -21.30 8.77
C GLY A 92 -6.04 -21.23 10.25
N LYS A 93 -5.31 -21.96 11.09
CA LYS A 93 -5.60 -21.89 12.52
C LYS A 93 -5.56 -20.46 13.04
N GLU A 94 -6.35 -20.16 14.07
CA GLU A 94 -6.37 -18.81 14.62
C GLU A 94 -5.61 -18.70 15.97
N TYR A 95 -4.87 -17.61 16.13
CA TYR A 95 -4.08 -17.39 17.33
C TYR A 95 -4.60 -16.23 18.15
N LYS A 96 -4.92 -16.52 19.41
CA LYS A 96 -5.42 -15.47 20.27
C LYS A 96 -4.42 -15.11 21.36
N CYS A 97 -4.22 -13.82 21.57
CA CYS A 97 -3.34 -13.35 22.63
C CYS A 97 -4.29 -12.62 23.57
N LYS A 98 -4.25 -13.00 24.84
CA LYS A 98 -5.12 -12.42 25.84
C LYS A 98 -4.23 -11.68 26.81
N VAL A 99 -4.43 -10.37 26.93
CA VAL A 99 -3.62 -9.55 27.83
C VAL A 99 -4.41 -9.03 29.01
N SER A 100 -4.04 -9.49 30.20
CA SER A 100 -4.74 -9.07 31.41
C SER A 100 -3.84 -8.19 32.25
N ASN A 101 -4.36 -7.04 32.64
CA ASN A 101 -3.61 -6.09 33.47
C ASN A 101 -4.55 -5.56 34.57
N LYS A 102 -4.06 -5.50 35.80
CA LYS A 102 -4.90 -5.01 36.91
C LYS A 102 -5.43 -3.61 36.68
N ALA A 103 -4.71 -2.83 35.88
CA ALA A 103 -5.15 -1.48 35.56
C ALA A 103 -6.04 -1.48 34.32
N LEU A 104 -6.73 -2.59 34.09
CA LEU A 104 -7.60 -2.72 32.93
C LEU A 104 -8.99 -3.19 33.31
N PRO A 105 -10.05 -2.53 32.80
CA PRO A 105 -11.45 -2.86 33.08
C PRO A 105 -11.75 -4.33 32.82
N ALA A 106 -11.26 -4.81 31.69
CA ALA A 106 -11.43 -6.20 31.28
C ALA A 106 -10.20 -6.56 30.46
N PRO A 107 -9.97 -7.87 30.26
CA PRO A 107 -8.79 -8.26 29.49
C PRO A 107 -8.98 -7.90 28.02
N ILE A 108 -7.88 -7.61 27.34
CA ILE A 108 -7.92 -7.27 25.93
C ILE A 108 -7.44 -8.46 25.15
N GLU A 109 -8.24 -8.86 24.16
CA GLU A 109 -7.91 -10.00 23.32
C GLU A 109 -7.73 -9.58 21.86
N LYS A 110 -6.71 -10.14 21.21
CA LYS A 110 -6.43 -9.89 19.80
C LYS A 110 -6.29 -11.26 19.16
N THR A 111 -6.66 -11.37 17.89
CA THR A 111 -6.57 -12.66 17.21
C THR A 111 -6.09 -12.49 15.77
N ILE A 112 -5.25 -13.39 15.29
CA ILE A 112 -4.78 -13.26 13.93
C ILE A 112 -4.58 -14.61 13.24
N SER A 113 -4.57 -14.61 11.91
CA SER A 113 -4.37 -15.83 11.13
C SER A 113 -4.20 -15.43 9.68
N LYS A 114 -4.04 -16.39 8.79
CA LYS A 114 -3.93 -16.00 7.41
C LYS A 114 -5.35 -15.69 6.96
N ALA A 115 -5.47 -14.81 5.97
CA ALA A 115 -6.76 -14.41 5.44
C ALA A 115 -7.57 -15.65 5.01
N LYS A 116 -8.89 -15.62 5.19
CA LYS A 116 -9.72 -16.76 4.80
C LYS A 116 -9.90 -16.69 3.28
N GLY A 117 -9.86 -17.85 2.63
CA GLY A 117 -10.01 -17.89 1.20
C GLY A 117 -9.18 -19.01 0.64
N GLN A 118 -9.58 -19.56 -0.50
CA GLN A 118 -8.84 -20.65 -1.12
C GLN A 118 -7.61 -20.06 -1.80
N PRO A 119 -6.44 -20.71 -1.61
CA PRO A 119 -5.13 -20.35 -2.17
C PRO A 119 -5.02 -20.45 -3.68
N ARG A 120 -4.72 -19.35 -4.35
CA ARG A 120 -4.58 -19.35 -5.80
C ARG A 120 -3.12 -19.23 -6.14
N GLU A 121 -2.67 -20.01 -7.12
CA GLU A 121 -1.27 -20.00 -7.53
C GLU A 121 -0.89 -18.70 -8.22
N PRO A 122 0.25 -18.11 -7.84
CA PRO A 122 0.67 -16.87 -8.47
C PRO A 122 1.30 -17.10 -9.84
N GLN A 123 0.96 -16.26 -10.81
CA GLN A 123 1.55 -16.37 -12.16
C GLN A 123 2.70 -15.37 -12.18
N VAL A 124 3.91 -15.85 -12.43
CA VAL A 124 5.09 -14.99 -12.47
C VAL A 124 5.67 -14.82 -13.88
N TYR A 125 5.65 -13.59 -14.37
CA TYR A 125 6.18 -13.28 -15.70
C TYR A 125 7.31 -12.25 -15.63
N THR A 126 8.30 -12.39 -16.51
CA THR A 126 9.41 -11.44 -16.54
C THR A 126 9.16 -10.46 -17.68
N LEU A 127 9.50 -9.20 -17.47
CA LEU A 127 9.30 -8.17 -18.46
C LEU A 127 10.55 -7.32 -18.68
N PRO A 128 11.14 -7.39 -19.89
CA PRO A 128 12.34 -6.63 -20.22
C PRO A 128 12.01 -5.15 -20.36
N PRO A 129 13.04 -4.27 -20.28
CA PRO A 129 12.84 -2.83 -20.38
C PRO A 129 12.27 -2.34 -21.73
N SER A 130 11.69 -1.14 -21.69
CA SER A 130 11.11 -0.49 -22.87
C SER A 130 12.24 0.08 -23.73
N ARG A 131 12.10 -0.03 -25.04
CA ARG A 131 13.11 0.49 -25.95
C ARG A 131 13.49 1.92 -25.61
N GLU A 132 12.49 2.70 -25.19
CA GLU A 132 12.69 4.10 -24.87
C GLU A 132 13.39 4.35 -23.54
N GLU A 133 13.78 3.29 -22.83
CA GLU A 133 14.47 3.47 -21.55
C GLU A 133 15.92 3.09 -21.67
N MET A 134 16.22 2.19 -22.61
CA MET A 134 17.59 1.75 -22.82
C MET A 134 18.48 2.85 -23.40
N THR A 135 18.05 4.09 -23.21
CA THR A 135 18.80 5.27 -23.66
C THR A 135 19.29 5.99 -22.40
N LYS A 136 19.14 5.31 -21.28
CA LYS A 136 19.56 5.81 -19.98
C LYS A 136 20.61 4.85 -19.44
N ASN A 137 21.42 5.30 -18.49
CA ASN A 137 22.49 4.48 -17.91
C ASN A 137 21.99 3.26 -17.15
N GLN A 138 20.71 3.29 -16.75
CA GLN A 138 20.13 2.17 -16.01
C GLN A 138 18.72 1.88 -16.49
N VAL A 139 18.40 0.59 -16.58
CA VAL A 139 17.08 0.15 -17.04
C VAL A 139 16.27 -0.55 -15.95
N SER A 140 15.06 -0.95 -16.31
CA SER A 140 14.16 -1.61 -15.37
C SER A 140 13.75 -3.00 -15.84
N LEU A 141 14.06 -4.01 -15.02
CA LEU A 141 13.68 -5.38 -15.34
C LEU A 141 12.46 -5.66 -14.44
N THR A 142 11.30 -5.87 -15.06
CA THR A 142 10.07 -6.10 -14.31
C THR A 142 9.69 -7.56 -14.16
N CYS A 143 9.09 -7.88 -13.01
CA CYS A 143 8.63 -9.23 -12.67
C CYS A 143 7.19 -9.09 -12.21
N LEU A 144 6.26 -9.57 -13.02
CA LEU A 144 4.84 -9.49 -12.71
C LEU A 144 4.40 -10.75 -12.01
N VAL A 145 3.68 -10.59 -10.90
CA VAL A 145 3.18 -11.72 -10.13
C VAL A 145 1.70 -11.45 -9.93
N LYS A 146 0.85 -12.22 -10.58
CA LYS A 146 -0.59 -11.98 -10.48
C LYS A 146 -1.40 -13.21 -10.12
N GLY A 147 -2.69 -12.96 -9.82
CA GLY A 147 -3.60 -14.04 -9.48
C GLY A 147 -3.25 -14.89 -8.27
N PHE A 148 -2.59 -14.33 -7.27
CA PHE A 148 -2.28 -15.14 -6.09
C PHE A 148 -3.19 -14.76 -4.93
N TYR A 149 -3.26 -15.63 -3.94
CA TYR A 149 -4.10 -15.45 -2.75
C TYR A 149 -3.65 -16.53 -1.74
N PRO A 150 -3.49 -16.18 -0.45
CA PRO A 150 -3.69 -14.84 0.07
C PRO A 150 -2.53 -13.94 -0.38
N SER A 151 -2.51 -12.71 0.14
CA SER A 151 -1.53 -11.73 -0.24
C SER A 151 -0.13 -12.01 0.30
N ASP A 152 -0.05 -12.86 1.32
CA ASP A 152 1.25 -13.23 1.89
C ASP A 152 2.11 -13.71 0.78
N ILE A 153 3.28 -13.11 0.61
CA ILE A 153 4.14 -13.50 -0.49
C ILE A 153 5.53 -12.89 -0.35
N ALA A 154 6.51 -13.46 -1.05
CA ALA A 154 7.88 -12.93 -1.00
C ALA A 154 8.55 -12.94 -2.39
N VAL A 155 9.17 -11.82 -2.76
CA VAL A 155 9.84 -11.69 -4.07
C VAL A 155 11.33 -11.32 -3.95
N GLU A 156 12.17 -11.90 -4.79
CA GLU A 156 13.59 -11.58 -4.74
C GLU A 156 14.24 -11.64 -6.11
N TRP A 157 15.42 -11.03 -6.24
CA TRP A 157 16.15 -11.03 -7.49
C TRP A 157 17.54 -11.60 -7.34
N GLU A 158 18.02 -12.23 -8.40
CA GLU A 158 19.36 -12.81 -8.45
C GLU A 158 19.79 -12.82 -9.91
N SER A 159 21.06 -12.50 -10.17
CA SER A 159 21.62 -12.47 -11.53
C SER A 159 22.52 -13.67 -11.73
N ASN A 160 23.44 -13.85 -10.79
CA ASN A 160 24.34 -14.99 -10.80
C ASN A 160 24.15 -15.56 -9.41
N GLY A 161 25.04 -16.44 -8.97
CA GLY A 161 24.90 -17.02 -7.66
C GLY A 161 24.94 -15.98 -6.54
N GLN A 162 24.10 -14.97 -6.62
CA GLN A 162 24.04 -13.92 -5.62
C GLN A 162 22.86 -12.97 -5.82
N PRO A 163 22.39 -12.34 -4.72
CA PRO A 163 21.27 -11.39 -4.75
C PRO A 163 21.57 -10.03 -5.36
N GLU A 164 20.58 -9.49 -6.06
CA GLU A 164 20.66 -8.15 -6.63
C GLU A 164 19.98 -7.31 -5.57
N ASN A 165 20.64 -6.26 -5.10
CA ASN A 165 20.07 -5.47 -4.03
C ASN A 165 19.46 -4.11 -4.39
N ASN A 166 19.36 -3.81 -5.68
CA ASN A 166 18.77 -2.55 -6.08
C ASN A 166 17.44 -2.81 -6.77
N TYR A 167 16.45 -3.25 -5.99
CA TYR A 167 15.12 -3.52 -6.52
C TYR A 167 14.07 -3.14 -5.50
N LYS A 168 12.84 -2.99 -5.98
CA LYS A 168 11.73 -2.62 -5.12
C LYS A 168 10.48 -3.37 -5.53
N THR A 169 9.69 -3.76 -4.55
CA THR A 169 8.45 -4.46 -4.83
C THR A 169 7.32 -3.58 -4.33
N THR A 170 6.28 -3.49 -5.15
CA THR A 170 5.12 -2.69 -4.80
C THR A 170 4.38 -3.56 -3.79
N PRO A 171 3.46 -2.98 -3.03
CA PRO A 171 2.77 -3.86 -2.09
C PRO A 171 1.70 -4.64 -2.89
N PRO A 172 1.16 -5.72 -2.31
CA PRO A 172 0.15 -6.40 -3.14
C PRO A 172 -1.09 -5.53 -3.40
N VAL A 173 -1.76 -5.79 -4.51
CA VAL A 173 -2.93 -5.03 -4.91
C VAL A 173 -4.08 -5.97 -5.25
N LEU A 174 -5.26 -5.66 -4.73
CA LEU A 174 -6.45 -6.47 -4.94
C LEU A 174 -6.97 -6.31 -6.36
N ASP A 175 -6.87 -7.37 -7.15
CA ASP A 175 -7.33 -7.33 -8.53
C ASP A 175 -8.85 -7.50 -8.59
N SER A 176 -9.42 -7.39 -9.80
CA SER A 176 -10.88 -7.53 -9.97
C SER A 176 -11.26 -8.98 -9.66
N ASP A 177 -10.28 -9.87 -9.77
CA ASP A 177 -10.37 -11.30 -9.50
C ASP A 177 -10.66 -11.53 -8.01
N GLY A 178 -10.03 -10.71 -7.18
CA GLY A 178 -10.15 -10.91 -5.74
C GLY A 178 -8.84 -11.59 -5.34
N SER A 179 -8.03 -11.87 -6.36
CA SER A 179 -6.73 -12.49 -6.17
C SER A 179 -5.80 -11.29 -6.04
N PHE A 180 -4.52 -11.52 -5.80
CA PHE A 180 -3.59 -10.43 -5.63
C PHE A 180 -2.51 -10.35 -6.69
N PHE A 181 -2.04 -9.13 -6.95
CA PHE A 181 -0.97 -8.91 -7.91
C PHE A 181 -0.03 -7.81 -7.45
N LEU A 182 1.23 -7.91 -7.89
CA LEU A 182 2.23 -6.92 -7.55
C LEU A 182 3.34 -6.90 -8.61
N TYR A 183 4.21 -5.91 -8.51
CA TYR A 183 5.35 -5.81 -9.41
C TYR A 183 6.59 -5.49 -8.61
N SER A 184 7.68 -6.18 -8.98
CA SER A 184 8.97 -5.96 -8.38
C SER A 184 9.81 -5.37 -9.53
N LYS A 185 10.52 -4.29 -9.24
CA LYS A 185 11.32 -3.62 -10.25
C LYS A 185 12.79 -3.67 -9.88
N LEU A 186 13.57 -4.39 -10.68
CA LEU A 186 15.01 -4.50 -10.45
C LEU A 186 15.68 -3.49 -11.36
N THR A 187 16.60 -2.73 -10.78
CA THR A 187 17.32 -1.70 -11.53
C THR A 187 18.77 -2.13 -11.79
N VAL A 188 19.10 -2.28 -13.07
CA VAL A 188 20.44 -2.70 -13.46
C VAL A 188 21.14 -1.69 -14.35
N ASP A 189 22.47 -1.60 -14.20
CA ASP A 189 23.27 -0.71 -15.02
C ASP A 189 23.05 -1.16 -16.45
N LYS A 190 22.51 -0.27 -17.28
CA LYS A 190 22.23 -0.55 -18.68
C LYS A 190 23.37 -1.31 -19.33
N SER A 191 24.60 -1.06 -18.88
CA SER A 191 25.77 -1.74 -19.42
C SER A 191 25.69 -3.25 -19.20
N ARG A 192 25.22 -3.66 -18.02
CA ARG A 192 25.11 -5.08 -17.69
C ARG A 192 24.06 -5.81 -18.51
N TRP A 193 22.83 -5.31 -18.47
CA TRP A 193 21.74 -5.91 -19.23
C TRP A 193 22.16 -6.22 -20.66
N GLN A 194 23.01 -5.37 -21.23
CA GLN A 194 23.47 -5.54 -22.61
C GLN A 194 24.54 -6.62 -22.75
N GLN A 195 25.35 -6.81 -21.71
CA GLN A 195 26.39 -7.83 -21.73
C GLN A 195 25.78 -9.24 -21.79
N GLY A 196 24.47 -9.30 -22.02
CA GLY A 196 23.76 -10.56 -22.12
C GLY A 196 23.43 -11.24 -20.80
N ASN A 197 23.68 -10.54 -19.70
CA ASN A 197 23.42 -11.10 -18.37
C ASN A 197 21.99 -11.60 -18.22
N VAL A 198 21.82 -12.61 -17.39
CA VAL A 198 20.52 -13.19 -17.14
C VAL A 198 20.12 -12.98 -15.68
N PHE A 199 18.89 -12.52 -15.48
CA PHE A 199 18.41 -12.30 -14.13
C PHE A 199 17.20 -13.19 -13.88
N SER A 200 16.75 -13.21 -12.64
CA SER A 200 15.61 -14.02 -12.30
C SER A 200 15.01 -13.58 -10.98
N CYS A 201 13.68 -13.59 -10.93
CA CYS A 201 13.01 -13.24 -9.68
C CYS A 201 12.42 -14.50 -9.09
N SER A 202 12.64 -14.67 -7.80
CA SER A 202 12.11 -15.82 -7.12
C SER A 202 10.88 -15.38 -6.34
N VAL A 203 9.79 -16.10 -6.53
CA VAL A 203 8.54 -15.80 -5.84
C VAL A 203 8.25 -16.97 -4.90
N MET A 204 7.92 -16.66 -3.64
CA MET A 204 7.61 -17.70 -2.67
C MET A 204 6.17 -17.54 -2.22
N HIS A 205 5.36 -18.57 -2.43
CA HIS A 205 3.96 -18.55 -2.06
C HIS A 205 3.43 -19.92 -1.64
N GLU A 206 2.39 -19.90 -0.83
CA GLU A 206 1.74 -21.10 -0.33
C GLU A 206 1.28 -21.98 -1.53
N ALA A 207 0.81 -21.35 -2.58
CA ALA A 207 0.30 -22.06 -3.76
C ALA A 207 1.31 -22.49 -4.82
N LEU A 208 2.60 -22.25 -4.60
CA LEU A 208 3.63 -22.65 -5.55
C LEU A 208 4.22 -23.99 -5.09
N HIS A 209 4.45 -24.90 -6.04
CA HIS A 209 4.99 -26.25 -5.78
C HIS A 209 5.69 -26.42 -4.44
N ASN A 210 6.96 -26.07 -4.35
CA ASN A 210 7.62 -26.19 -3.05
C ASN A 210 7.64 -24.82 -2.45
N HIS A 211 6.51 -24.11 -2.57
CA HIS A 211 6.39 -22.77 -2.03
C HIS A 211 7.40 -21.90 -2.76
N TYR A 212 7.64 -22.21 -4.03
CA TYR A 212 8.63 -21.46 -4.80
C TYR A 212 8.69 -21.76 -6.29
N THR A 213 8.71 -20.69 -7.08
CA THR A 213 8.82 -20.85 -8.52
C THR A 213 9.92 -19.86 -8.92
N GLN A 214 10.23 -19.79 -10.20
CA GLN A 214 11.30 -18.87 -10.62
C GLN A 214 11.23 -18.58 -12.11
N LYS A 215 11.55 -17.35 -12.49
CA LYS A 215 11.51 -16.95 -13.89
C LYS A 215 12.75 -16.19 -14.30
N SER A 216 13.26 -16.50 -15.49
CA SER A 216 14.46 -15.88 -16.02
C SER A 216 14.14 -14.75 -17.00
N LEU A 217 15.11 -13.87 -17.21
CA LEU A 217 14.96 -12.73 -18.11
C LEU A 217 16.34 -12.36 -18.67
N SER A 218 16.46 -12.30 -20.00
CA SER A 218 17.73 -11.98 -20.65
C SER A 218 17.55 -11.07 -21.86
N LEU A 219 18.68 -10.72 -22.47
CA LEU A 219 18.71 -9.88 -23.65
C LEU A 219 19.18 -10.74 -24.82
N SER A 220 18.25 -11.36 -25.54
CA SER A 220 18.61 -12.21 -26.66
C SER A 220 18.03 -11.72 -27.97
N PRO A 221 18.38 -12.28 -29.02
CA PRO B 14 -13.91 13.77 19.25
C PRO B 14 -12.62 13.15 18.71
N SER B 15 -12.53 13.03 17.39
CA SER B 15 -11.36 12.45 16.72
C SER B 15 -11.29 13.02 15.30
N VAL B 16 -10.32 13.90 15.05
CA VAL B 16 -10.16 14.55 13.75
C VAL B 16 -9.10 13.99 12.78
N PHE B 17 -9.44 13.99 11.49
CA PHE B 17 -8.55 13.51 10.43
C PHE B 17 -8.65 14.35 9.16
N LEU B 18 -7.56 15.03 8.80
CA LEU B 18 -7.54 15.83 7.57
C LEU B 18 -7.16 14.96 6.38
N PHE B 19 -7.69 15.30 5.22
CA PHE B 19 -7.42 14.56 4.00
C PHE B 19 -7.05 15.54 2.90
N PRO B 20 -6.06 15.17 2.07
CA PRO B 20 -5.62 16.04 0.98
C PRO B 20 -6.52 15.80 -0.23
N PRO B 21 -6.50 16.71 -1.20
CA PRO B 21 -7.35 16.50 -2.36
C PRO B 21 -6.84 15.37 -3.24
N LYS B 22 -7.71 14.87 -4.13
CA LYS B 22 -7.36 13.81 -5.08
C LYS B 22 -6.40 14.43 -6.09
N PRO B 23 -5.27 13.78 -6.38
CA PRO B 23 -4.27 14.26 -7.33
C PRO B 23 -4.87 14.82 -8.61
N LYS B 24 -5.72 14.04 -9.27
CA LYS B 24 -6.33 14.47 -10.50
C LYS B 24 -7.06 15.81 -10.39
N ASP B 25 -7.65 16.10 -9.24
CA ASP B 25 -8.39 17.37 -9.07
C ASP B 25 -7.57 18.65 -9.11
N THR B 26 -6.34 18.60 -8.62
CA THR B 26 -5.53 19.80 -8.58
C THR B 26 -4.78 20.06 -9.87
N LEU B 27 -4.70 19.05 -10.72
CA LEU B 27 -3.96 19.16 -11.96
C LEU B 27 -4.77 19.68 -13.16
N MET B 28 -6.09 19.71 -13.03
CA MET B 28 -6.99 20.18 -14.10
C MET B 28 -8.00 21.18 -13.55
N ILE B 29 -8.02 22.40 -14.09
CA ILE B 29 -8.98 23.40 -13.60
C ILE B 29 -10.44 22.95 -13.77
N SER B 30 -10.65 22.01 -14.68
CA SER B 30 -11.99 21.46 -14.93
C SER B 30 -12.58 20.90 -13.64
N ARG B 31 -11.74 20.33 -12.79
CA ARG B 31 -12.22 19.78 -11.53
C ARG B 31 -11.88 20.67 -10.35
N THR B 32 -12.59 20.48 -9.25
CA THR B 32 -12.38 21.29 -8.07
C THR B 32 -11.77 20.53 -6.90
N PRO B 33 -10.51 20.84 -6.55
CA PRO B 33 -9.80 20.20 -5.44
C PRO B 33 -10.46 20.56 -4.11
N GLU B 34 -10.24 19.73 -3.10
CA GLU B 34 -10.84 20.01 -1.81
C GLU B 34 -10.18 19.31 -0.62
N VAL B 35 -9.92 20.08 0.43
CA VAL B 35 -9.33 19.54 1.66
C VAL B 35 -10.51 19.08 2.52
N THR B 36 -10.63 17.79 2.73
CA THR B 36 -11.73 17.25 3.50
C THR B 36 -11.40 16.88 4.96
N CYS B 37 -11.95 17.65 5.89
CA CYS B 37 -11.76 17.46 7.33
C CYS B 37 -12.82 16.51 7.91
N VAL B 38 -12.42 15.31 8.33
CA VAL B 38 -13.37 14.34 8.88
C VAL B 38 -13.20 14.12 10.39
N VAL B 39 -14.29 14.29 11.14
CA VAL B 39 -14.31 14.11 12.60
C VAL B 39 -15.18 12.91 12.97
N VAL B 40 -14.60 11.92 13.64
CA VAL B 40 -15.40 10.75 14.00
C VAL B 40 -15.79 10.67 15.48
N ASP B 41 -16.64 9.69 15.77
CA ASP B 41 -17.11 9.43 17.12
C ASP B 41 -17.60 10.63 17.93
N VAL B 42 -18.55 11.38 17.38
CA VAL B 42 -19.12 12.52 18.11
C VAL B 42 -20.39 11.95 18.77
N SER B 43 -20.57 12.23 20.05
CA SER B 43 -21.70 11.72 20.80
C SER B 43 -23.07 12.34 20.51
N HIS B 44 -24.12 11.58 20.85
CA HIS B 44 -25.48 12.04 20.68
C HIS B 44 -25.70 13.25 21.56
N GLU B 45 -25.31 13.12 22.83
CA GLU B 45 -25.47 14.21 23.78
C GLU B 45 -24.43 15.29 23.63
N ASP B 46 -23.51 15.12 22.70
CA ASP B 46 -22.47 16.12 22.51
C ASP B 46 -22.24 16.49 21.04
N PRO B 47 -23.32 16.78 20.30
CA PRO B 47 -23.22 17.14 18.89
C PRO B 47 -22.74 18.57 18.77
N GLN B 48 -23.43 19.36 17.95
CA GLN B 48 -23.07 20.76 17.76
C GLN B 48 -21.58 20.85 17.45
N VAL B 49 -21.22 20.44 16.24
CA VAL B 49 -19.83 20.46 15.80
C VAL B 49 -19.56 21.71 14.98
N LYS B 50 -18.53 22.45 15.36
CA LYS B 50 -18.13 23.68 14.68
C LYS B 50 -16.82 23.48 13.91
N PHE B 51 -16.57 24.35 12.94
CA PHE B 51 -15.35 24.28 12.13
C PHE B 51 -14.73 25.66 11.94
N ASN B 52 -13.51 25.69 11.41
CA ASN B 52 -12.77 26.92 11.15
C ASN B 52 -11.58 26.59 10.26
N TRP B 53 -11.51 27.16 9.07
CA TRP B 53 -10.40 26.87 8.16
C TRP B 53 -9.42 28.04 8.01
N TYR B 54 -8.13 27.70 8.02
CA TYR B 54 -7.07 28.70 7.91
C TYR B 54 -6.05 28.30 6.84
N VAL B 55 -5.84 29.19 5.87
CA VAL B 55 -4.89 28.95 4.80
C VAL B 55 -3.70 29.89 4.98
N ASP B 56 -2.62 29.37 5.54
CA ASP B 56 -1.42 30.18 5.78
C ASP B 56 -1.73 31.27 6.80
N GLY B 57 -2.44 30.89 7.85
CA GLY B 57 -2.79 31.83 8.90
C GLY B 57 -4.13 32.51 8.69
N VAL B 58 -4.23 33.29 7.63
CA VAL B 58 -5.46 34.03 7.32
C VAL B 58 -6.73 33.19 7.44
N GLN B 59 -7.87 33.89 7.43
CA GLN B 59 -9.18 33.25 7.53
C GLN B 59 -9.41 32.49 8.83
N VAL B 60 -10.15 33.14 9.72
CA VAL B 60 -10.51 32.57 11.02
C VAL B 60 -12.02 32.46 10.99
N HIS B 61 -12.64 33.37 10.23
CA HIS B 61 -14.08 33.44 10.06
C HIS B 61 -14.46 32.63 8.81
N ASN B 62 -15.66 32.05 8.81
CA ASN B 62 -16.12 31.22 7.71
C ASN B 62 -15.60 31.58 6.31
N ALA B 63 -14.79 30.69 5.75
CA ALA B 63 -14.25 30.88 4.43
C ALA B 63 -15.29 30.29 3.47
N LYS B 64 -14.84 29.60 2.43
CA LYS B 64 -15.77 28.99 1.47
C LYS B 64 -15.96 27.51 1.79
N THR B 65 -16.44 27.22 2.99
CA THR B 65 -16.64 25.85 3.43
C THR B 65 -18.08 25.36 3.27
N LYS B 66 -18.34 24.13 3.70
CA LYS B 66 -19.66 23.52 3.58
C LYS B 66 -19.65 22.09 4.16
N PRO B 67 -20.11 21.94 5.42
CA PRO B 67 -20.14 20.62 6.07
C PRO B 67 -21.52 20.11 6.49
N ARG B 68 -21.76 18.81 6.34
CA ARG B 68 -23.02 18.19 6.76
C ARG B 68 -23.16 16.69 6.51
N GLU B 69 -24.06 16.08 7.29
CA GLU B 69 -24.40 14.65 7.29
C GLU B 69 -23.65 13.84 8.35
N GLN B 70 -24.37 12.94 9.02
CA GLN B 70 -23.79 12.10 10.06
C GLN B 70 -24.38 10.68 10.10
N GLN B 71 -24.65 10.19 11.31
CA GLN B 71 -25.23 8.86 11.54
C GLN B 71 -24.17 7.79 11.26
N TYR B 72 -23.93 6.91 12.23
CA TYR B 72 -22.92 5.86 12.08
C TYR B 72 -23.21 4.51 12.72
N ASN B 73 -22.27 4.07 13.56
CA ASN B 73 -22.35 2.80 14.28
C ASN B 73 -22.98 3.02 15.66
N SER B 74 -23.08 4.29 16.04
CA SER B 74 -23.65 4.73 17.32
C SER B 74 -23.08 6.11 17.61
N THR B 75 -22.29 6.62 16.66
CA THR B 75 -21.65 7.92 16.79
C THR B 75 -22.06 8.91 15.69
N TYR B 76 -21.22 9.91 15.48
CA TYR B 76 -21.45 10.95 14.47
C TYR B 76 -20.41 10.85 13.36
N ARG B 77 -19.96 12.04 12.94
CA ARG B 77 -18.95 12.26 11.91
C ARG B 77 -19.36 13.48 11.08
N VAL B 78 -19.01 14.65 11.59
CA VAL B 78 -19.32 15.91 10.91
C VAL B 78 -18.19 16.27 9.95
N VAL B 79 -18.28 15.77 8.73
CA VAL B 79 -17.29 16.02 7.69
C VAL B 79 -17.42 17.39 7.02
N SER B 80 -16.42 18.23 7.17
CA SER B 80 -16.44 19.56 6.53
C SER B 80 -15.66 19.45 5.22
N VAL B 81 -15.92 20.35 4.28
CA VAL B 81 -15.24 20.33 2.99
C VAL B 81 -14.90 21.72 2.52
N LEU B 82 -13.66 21.90 2.08
CA LEU B 82 -13.19 23.19 1.60
C LEU B 82 -12.73 23.17 0.15
N THR B 83 -13.15 24.17 -0.62
CA THR B 83 -12.76 24.25 -2.03
C THR B 83 -11.34 24.78 -2.13
N VAL B 84 -10.49 24.05 -2.85
CA VAL B 84 -9.10 24.45 -3.00
C VAL B 84 -8.79 25.06 -4.35
N LEU B 85 -7.81 25.97 -4.35
CA LEU B 85 -7.36 26.61 -5.58
C LEU B 85 -6.13 25.84 -6.05
N HIS B 86 -6.25 25.15 -7.17
CA HIS B 86 -5.16 24.36 -7.74
C HIS B 86 -3.79 25.00 -7.50
N GLN B 87 -3.69 26.30 -7.77
CA GLN B 87 -2.45 27.05 -7.58
C GLN B 87 -2.06 27.06 -6.11
N ASN B 88 -3.00 27.47 -5.26
CA ASN B 88 -2.78 27.53 -3.82
C ASN B 88 -2.16 26.23 -3.31
N TRP B 89 -2.84 25.12 -3.58
CA TRP B 89 -2.36 23.82 -3.16
C TRP B 89 -0.99 23.48 -3.78
N LEU B 90 -0.89 23.57 -5.10
CA LEU B 90 0.37 23.27 -5.76
C LEU B 90 1.55 24.09 -5.25
N ASP B 91 1.29 25.34 -4.88
CA ASP B 91 2.36 26.20 -4.38
C ASP B 91 2.71 25.85 -2.93
N GLY B 92 1.90 24.99 -2.31
CA GLY B 92 2.18 24.57 -0.95
C GLY B 92 1.57 25.32 0.21
N LYS B 93 0.47 26.03 -0.01
CA LYS B 93 -0.15 26.74 1.10
C LYS B 93 -0.59 25.72 2.16
N GLU B 94 -0.50 26.11 3.43
CA GLU B 94 -0.87 25.23 4.53
C GLU B 94 -2.34 25.36 4.94
N TYR B 95 -3.08 24.25 4.81
CA TYR B 95 -4.50 24.23 5.15
C TYR B 95 -4.73 23.71 6.55
N LYS B 96 -5.33 24.54 7.39
CA LYS B 96 -5.58 24.20 8.79
C LYS B 96 -7.03 24.08 9.22
N CYS B 97 -7.45 22.86 9.56
CA CYS B 97 -8.81 22.61 10.02
C CYS B 97 -8.80 22.71 11.54
N LYS B 98 -9.64 23.60 12.10
CA LYS B 98 -9.70 23.81 13.54
C LYS B 98 -11.07 23.46 14.10
N VAL B 99 -11.22 22.21 14.55
CA VAL B 99 -12.49 21.75 15.11
C VAL B 99 -12.70 22.24 16.55
N SER B 100 -13.96 22.28 16.99
CA SER B 100 -14.32 22.73 18.34
C SER B 100 -15.55 21.98 18.86
N ASN B 101 -15.39 21.26 19.96
CA ASN B 101 -16.49 20.48 20.56
C ASN B 101 -16.56 20.59 22.09
N LYS B 102 -17.78 20.52 22.61
CA LYS B 102 -18.03 20.58 24.05
C LYS B 102 -17.40 19.39 24.74
N ALA B 103 -17.76 18.19 24.27
CA ALA B 103 -17.26 16.94 24.81
C ALA B 103 -15.81 16.72 24.47
N LEU B 104 -15.11 17.81 24.16
CA LEU B 104 -13.69 17.74 23.82
C LEU B 104 -12.90 18.62 24.78
N PRO B 105 -11.89 18.05 25.44
CA PRO B 105 -11.03 18.75 26.41
C PRO B 105 -10.52 20.11 25.92
N ALA B 106 -10.02 20.13 24.68
CA ALA B 106 -9.50 21.37 24.09
C ALA B 106 -9.77 21.42 22.59
N PRO B 107 -9.43 22.54 21.93
CA PRO B 107 -9.67 22.63 20.49
C PRO B 107 -8.63 21.85 19.68
N ILE B 108 -9.03 20.71 19.13
CA ILE B 108 -8.13 19.89 18.33
C ILE B 108 -7.75 20.64 17.04
N GLU B 109 -6.71 20.16 16.37
CA GLU B 109 -6.25 20.77 15.14
C GLU B 109 -5.57 19.73 14.26
N LYS B 110 -5.41 20.07 12.99
CA LYS B 110 -4.76 19.22 12.01
C LYS B 110 -4.44 20.15 10.84
N THR B 111 -3.20 20.08 10.35
CA THR B 111 -2.79 20.90 9.23
C THR B 111 -2.31 19.97 8.11
N ILE B 112 -1.93 20.55 6.98
CA ILE B 112 -1.47 19.76 5.86
C ILE B 112 -1.19 20.64 4.66
N SER B 113 -0.16 20.29 3.92
CA SER B 113 0.23 21.00 2.71
C SER B 113 0.74 19.88 1.83
N LYS B 114 1.01 20.15 0.56
CA LYS B 114 1.47 19.08 -0.28
C LYS B 114 2.90 18.74 0.11
N ALA B 115 3.32 17.53 -0.22
CA ALA B 115 4.67 17.06 0.08
C ALA B 115 5.66 18.10 -0.48
N LYS B 116 6.61 18.52 0.35
CA LYS B 116 7.56 19.53 -0.08
C LYS B 116 8.73 18.91 -0.85
N GLY B 117 9.36 19.71 -1.69
CA GLY B 117 10.49 19.19 -2.45
C GLY B 117 10.36 19.46 -3.94
N GLN B 118 11.50 19.69 -4.57
CA GLN B 118 11.55 19.96 -5.99
C GLN B 118 10.76 18.91 -6.72
N PRO B 119 9.77 19.33 -7.54
CA PRO B 119 9.00 18.32 -8.25
C PRO B 119 9.84 17.65 -9.33
N ARG B 120 9.53 16.40 -9.65
CA ARG B 120 10.27 15.70 -10.66
C ARG B 120 9.36 14.99 -11.64
N GLU B 121 9.47 15.40 -12.90
CA GLU B 121 8.68 14.83 -13.98
C GLU B 121 8.87 13.31 -14.05
N PRO B 122 7.76 12.58 -14.21
CA PRO B 122 7.77 11.13 -14.31
C PRO B 122 8.13 10.58 -15.67
N GLN B 123 8.75 9.40 -15.69
CA GLN B 123 9.07 8.73 -16.95
C GLN B 123 8.00 7.69 -17.09
N VAL B 124 7.42 7.60 -18.28
CA VAL B 124 6.37 6.64 -18.54
C VAL B 124 6.84 5.69 -19.64
N TYR B 125 6.79 4.38 -19.35
CA TYR B 125 7.19 3.34 -20.30
C TYR B 125 6.06 2.32 -20.33
N THR B 126 5.70 1.84 -21.52
CA THR B 126 4.67 0.83 -21.64
C THR B 126 5.33 -0.48 -21.99
N LEU B 127 4.80 -1.60 -21.50
CA LEU B 127 5.38 -2.91 -21.76
C LEU B 127 4.37 -3.91 -22.32
N PRO B 128 4.79 -4.74 -23.27
CA PRO B 128 3.91 -5.75 -23.88
C PRO B 128 3.63 -6.86 -22.88
N PRO B 129 2.62 -7.69 -23.13
CA PRO B 129 2.37 -8.77 -22.16
C PRO B 129 3.55 -9.72 -22.37
N SER B 130 3.82 -10.58 -21.40
CA SER B 130 4.93 -11.53 -21.54
C SER B 130 4.56 -12.62 -22.53
N ARG B 131 5.57 -13.16 -23.20
CA ARG B 131 5.37 -14.23 -24.16
C ARG B 131 4.63 -15.34 -23.44
N GLU B 132 5.08 -15.61 -22.22
CA GLU B 132 4.52 -16.64 -21.39
C GLU B 132 3.04 -16.44 -21.04
N GLU B 133 2.60 -15.18 -20.99
CA GLU B 133 1.21 -14.90 -20.67
C GLU B 133 0.32 -15.05 -21.89
N MET B 134 0.94 -15.21 -23.05
CA MET B 134 0.19 -15.37 -24.30
C MET B 134 -0.47 -16.74 -24.39
N THR B 135 -0.66 -17.38 -23.25
CA THR B 135 -1.29 -18.69 -23.21
C THR B 135 -2.64 -18.60 -22.51
N LYS B 136 -3.04 -17.40 -22.11
CA LYS B 136 -4.31 -17.22 -21.42
C LYS B 136 -5.31 -16.43 -22.28
N ASN B 137 -6.59 -16.52 -21.92
CA ASN B 137 -7.64 -15.83 -22.66
C ASN B 137 -7.59 -14.32 -22.38
N GLN B 138 -6.62 -13.89 -21.59
CA GLN B 138 -6.48 -12.47 -21.27
C GLN B 138 -5.04 -12.12 -21.02
N VAL B 139 -4.66 -10.91 -21.40
CA VAL B 139 -3.29 -10.45 -21.27
C VAL B 139 -3.13 -9.21 -20.39
N SER B 140 -1.89 -8.90 -20.05
CA SER B 140 -1.58 -7.76 -19.20
C SER B 140 -0.76 -6.66 -19.85
N LEU B 141 -1.39 -5.51 -20.06
CA LEU B 141 -0.69 -4.37 -20.62
C LEU B 141 -0.15 -3.63 -19.41
N THR B 142 1.16 -3.39 -19.41
CA THR B 142 1.82 -2.77 -18.29
C THR B 142 2.33 -1.37 -18.56
N CYS B 143 2.20 -0.52 -17.55
CA CYS B 143 2.66 0.85 -17.64
C CYS B 143 3.52 1.13 -16.43
N LEU B 144 4.77 1.48 -16.70
CA LEU B 144 5.71 1.81 -15.65
C LEU B 144 5.80 3.32 -15.56
N VAL B 145 5.90 3.82 -14.33
CA VAL B 145 6.02 5.24 -14.10
C VAL B 145 6.99 5.43 -12.95
N LYS B 146 8.10 6.11 -13.20
CA LYS B 146 9.10 6.33 -12.16
C LYS B 146 9.72 7.71 -12.25
N GLY B 147 10.55 8.04 -11.26
CA GLY B 147 11.21 9.33 -11.23
C GLY B 147 10.31 10.51 -10.87
N PHE B 148 9.11 10.26 -10.36
CA PHE B 148 8.28 11.41 -10.01
C PHE B 148 8.20 11.76 -8.54
N TYR B 149 8.05 13.06 -8.31
CA TYR B 149 7.92 13.61 -6.98
C TYR B 149 7.09 14.89 -7.11
N PRO B 150 6.15 15.13 -6.20
CA PRO B 150 5.80 14.28 -5.06
C PRO B 150 5.06 13.05 -5.58
N SER B 151 4.45 12.27 -4.68
CA SER B 151 3.78 11.03 -5.08
C SER B 151 2.38 11.18 -5.67
N ASP B 152 1.78 12.35 -5.54
CA ASP B 152 0.43 12.58 -6.07
C ASP B 152 0.46 12.32 -7.56
N ILE B 153 -0.39 11.41 -8.04
CA ILE B 153 -0.37 11.06 -9.44
C ILE B 153 -1.65 10.35 -9.84
N ALA B 154 -2.09 10.57 -11.09
CA ALA B 154 -3.29 9.94 -11.64
C ALA B 154 -2.94 9.17 -12.92
N VAL B 155 -3.29 7.89 -12.99
CA VAL B 155 -2.99 7.07 -14.17
C VAL B 155 -4.25 6.44 -14.80
N GLU B 156 -4.43 6.62 -16.10
CA GLU B 156 -5.61 6.05 -16.80
C GLU B 156 -5.25 5.39 -18.14
N TRP B 157 -6.14 4.55 -18.66
CA TRP B 157 -5.92 3.87 -19.94
C TRP B 157 -6.97 4.19 -20.99
N GLU B 158 -6.58 4.13 -22.25
CA GLU B 158 -7.53 4.39 -23.33
C GLU B 158 -7.27 3.53 -24.55
N SER B 159 -8.28 3.47 -25.40
CA SER B 159 -8.22 2.73 -26.65
C SER B 159 -8.94 3.61 -27.66
N ASN B 160 -8.24 3.95 -28.76
CA ASN B 160 -8.77 4.83 -29.81
C ASN B 160 -9.85 5.81 -29.33
N GLY B 161 -9.50 6.63 -28.34
CA GLY B 161 -10.43 7.62 -27.84
C GLY B 161 -11.32 7.21 -26.69
N GLN B 162 -11.60 5.91 -26.55
CA GLN B 162 -12.47 5.41 -25.49
C GLN B 162 -11.72 4.88 -24.25
N PRO B 163 -12.32 5.07 -23.06
CA PRO B 163 -11.80 4.64 -21.75
C PRO B 163 -11.75 3.13 -21.47
N GLU B 164 -10.77 2.72 -20.67
CA GLU B 164 -10.61 1.32 -20.29
C GLU B 164 -11.00 1.20 -18.83
N ASN B 165 -11.78 0.19 -18.52
CA ASN B 165 -12.27 -0.04 -17.16
C ASN B 165 -11.50 -1.08 -16.35
N ASN B 166 -11.15 -2.19 -16.99
CA ASN B 166 -10.45 -3.27 -16.30
C ASN B 166 -8.94 -3.10 -16.17
N TYR B 167 -8.55 -2.18 -15.30
CA TYR B 167 -7.14 -1.95 -15.01
C TYR B 167 -7.01 -1.67 -13.52
N LYS B 168 -5.83 -1.95 -12.99
CA LYS B 168 -5.55 -1.71 -11.59
C LYS B 168 -4.17 -1.04 -11.51
N THR B 169 -4.01 -0.12 -10.58
CA THR B 169 -2.75 0.61 -10.43
C THR B 169 -2.20 0.49 -9.01
N THR B 170 -0.95 0.06 -8.91
CA THR B 170 -0.32 -0.10 -7.63
C THR B 170 -0.07 1.30 -7.09
N PRO B 171 -0.13 1.49 -5.77
CA PRO B 171 0.13 2.81 -5.20
C PRO B 171 1.59 3.23 -5.39
N PRO B 172 1.91 4.50 -5.09
CA PRO B 172 3.28 5.04 -5.22
C PRO B 172 4.21 4.38 -4.21
N VAL B 173 5.37 3.95 -4.68
CA VAL B 173 6.38 3.32 -3.84
C VAL B 173 7.66 4.13 -3.93
N LEU B 174 8.36 4.29 -2.80
CA LEU B 174 9.61 5.06 -2.73
C LEU B 174 10.83 4.33 -3.26
N ASP B 175 11.41 4.86 -4.33
CA ASP B 175 12.58 4.24 -4.90
C ASP B 175 13.85 4.70 -4.19
N SER B 176 14.99 4.11 -4.54
CA SER B 176 16.25 4.46 -3.89
C SER B 176 16.60 5.95 -3.88
N ASP B 177 16.29 6.67 -4.97
CA ASP B 177 16.63 8.09 -5.05
C ASP B 177 15.64 9.09 -4.49
N GLY B 178 14.74 8.64 -3.62
CA GLY B 178 13.76 9.56 -3.05
C GLY B 178 12.67 9.94 -4.03
N SER B 179 12.63 9.27 -5.18
CA SER B 179 11.60 9.53 -6.16
C SER B 179 10.60 8.39 -5.99
N PHE B 180 9.46 8.46 -6.67
CA PHE B 180 8.48 7.40 -6.56
C PHE B 180 8.28 6.71 -7.90
N PHE B 181 7.67 5.55 -7.85
CA PHE B 181 7.33 4.79 -9.05
C PHE B 181 6.11 3.95 -8.69
N LEU B 182 5.43 3.49 -9.71
CA LEU B 182 4.24 2.65 -9.55
C LEU B 182 4.05 1.92 -10.88
N TYR B 183 3.14 0.96 -10.92
CA TYR B 183 2.84 0.26 -12.15
C TYR B 183 1.34 0.22 -12.29
N SER B 184 0.87 0.37 -13.52
CA SER B 184 -0.54 0.31 -13.79
C SER B 184 -0.66 -0.93 -14.68
N LYS B 185 -1.75 -1.67 -14.53
CA LYS B 185 -1.95 -2.91 -15.26
C LYS B 185 -3.33 -3.00 -15.87
N LEU B 186 -3.37 -3.05 -17.19
CA LEU B 186 -4.65 -3.16 -17.90
C LEU B 186 -4.86 -4.59 -18.36
N THR B 187 -6.02 -5.15 -18.03
CA THR B 187 -6.33 -6.51 -18.44
C THR B 187 -7.18 -6.53 -19.70
N VAL B 188 -6.65 -7.08 -20.79
CA VAL B 188 -7.41 -7.15 -22.02
C VAL B 188 -7.40 -8.49 -22.73
N ASP B 189 -8.46 -8.76 -23.48
CA ASP B 189 -8.59 -9.99 -24.23
C ASP B 189 -7.42 -10.17 -25.18
N LYS B 190 -6.85 -11.37 -25.15
CA LYS B 190 -5.72 -11.69 -25.99
C LYS B 190 -6.06 -11.40 -27.44
N SER B 191 -7.35 -11.46 -27.79
CA SER B 191 -7.75 -11.19 -29.17
C SER B 191 -7.48 -9.72 -29.53
N ARG B 192 -8.02 -8.82 -28.73
CA ARG B 192 -7.85 -7.37 -28.95
C ARG B 192 -6.38 -7.02 -29.14
N TRP B 193 -5.52 -7.74 -28.43
CA TRP B 193 -4.08 -7.50 -28.54
C TRP B 193 -3.59 -8.11 -29.84
N GLN B 194 -4.26 -9.19 -30.27
CA GLN B 194 -3.91 -9.87 -31.51
C GLN B 194 -4.33 -9.00 -32.69
N GLN B 195 -5.55 -8.49 -32.64
CA GLN B 195 -6.09 -7.63 -33.71
C GLN B 195 -5.24 -6.38 -33.95
N GLY B 196 -4.25 -6.14 -33.09
CA GLY B 196 -3.39 -4.98 -33.26
C GLY B 196 -3.92 -3.68 -32.68
N ASN B 197 -4.98 -3.73 -31.89
CA ASN B 197 -5.51 -2.52 -31.30
C ASN B 197 -4.41 -1.76 -30.53
N VAL B 198 -4.58 -0.45 -30.44
CA VAL B 198 -3.62 0.40 -29.74
C VAL B 198 -4.18 0.91 -28.44
N PHE B 199 -3.45 0.65 -27.37
CA PHE B 199 -3.84 1.09 -26.05
C PHE B 199 -2.86 2.16 -25.62
N SER B 200 -3.33 3.06 -24.77
CA SER B 200 -2.50 4.15 -24.31
C SER B 200 -2.57 4.35 -22.81
N CYS B 201 -1.41 4.66 -22.23
CA CYS B 201 -1.30 4.89 -20.80
C CYS B 201 -1.29 6.39 -20.55
N SER B 202 -2.23 6.91 -19.79
CA SER B 202 -2.28 8.34 -19.49
C SER B 202 -1.77 8.61 -18.10
N VAL B 203 -0.88 9.58 -17.97
CA VAL B 203 -0.29 9.93 -16.69
C VAL B 203 -0.43 11.42 -16.38
N MET B 204 -1.06 11.72 -15.26
CA MET B 204 -1.25 13.10 -14.83
C MET B 204 -0.36 13.36 -13.64
N HIS B 205 0.47 14.39 -13.73
CA HIS B 205 1.37 14.73 -12.65
C HIS B 205 1.70 16.21 -12.77
N GLU B 206 2.14 16.77 -11.65
CA GLU B 206 2.50 18.18 -11.53
C GLU B 206 3.68 18.63 -12.38
N ALA B 207 4.71 17.78 -12.50
CA ALA B 207 5.91 18.13 -13.26
C ALA B 207 5.85 17.85 -14.77
N LEU B 208 4.71 17.37 -15.27
CA LEU B 208 4.57 17.10 -16.71
C LEU B 208 4.12 18.37 -17.44
N HIS B 209 4.58 18.55 -18.67
CA HIS B 209 4.15 19.71 -19.43
C HIS B 209 2.63 19.54 -19.56
N ASN B 210 1.88 20.60 -19.30
CA ASN B 210 0.41 20.53 -19.37
C ASN B 210 -0.16 19.49 -18.41
N HIS B 211 0.59 19.19 -17.35
CA HIS B 211 0.15 18.23 -16.36
C HIS B 211 -0.33 16.93 -16.98
N TYR B 212 0.20 16.58 -18.14
CA TYR B 212 -0.28 15.35 -18.78
C TYR B 212 0.59 14.81 -19.91
N THR B 213 0.80 13.50 -19.87
CA THR B 213 1.58 12.79 -20.87
C THR B 213 0.81 11.52 -21.25
N GLN B 214 1.03 11.02 -22.45
CA GLN B 214 0.32 9.85 -22.89
C GLN B 214 1.23 8.91 -23.69
N LYS B 215 1.32 7.65 -23.26
CA LYS B 215 2.16 6.68 -23.96
C LYS B 215 1.35 5.51 -24.51
N SER B 216 1.72 5.07 -25.71
CA SER B 216 0.98 3.98 -26.36
C SER B 216 1.68 2.63 -26.44
N LEU B 217 0.87 1.60 -26.69
CA LEU B 217 1.34 0.24 -26.81
C LEU B 217 0.41 -0.52 -27.74
N SER B 218 0.97 -1.46 -28.50
CA SER B 218 0.18 -2.28 -29.41
C SER B 218 1.03 -3.39 -30.01
N LEU B 219 0.39 -4.34 -30.68
CA LEU B 219 1.11 -5.44 -31.30
C LEU B 219 1.75 -4.95 -32.60
N SER B 220 2.77 -4.22 -32.50
#